data_2O34
#
_entry.id   2O34
#
_cell.length_a   60.480
_cell.length_b   81.480
_cell.length_c   151.170
_cell.angle_alpha   90.00
_cell.angle_beta   90.00
_cell.angle_gamma   90.00
#
_symmetry.space_group_name_H-M   'P 21 21 21'
#
loop_
_entity.id
_entity.type
_entity.pdbx_description
1 polymer 'Hypothetical protein'
2 non-polymer 'SODIUM ION'
3 water water
#
_entity_poly.entity_id   1
_entity_poly.type   'polypeptide(L)'
_entity_poly.pdbx_seq_one_letter_code
;SLP(MSE)QHVHTSPVRDYRNRCARREGETVFQVVVEETDLRVTALAELATP(MSE)AAYVGELRAQLKVW(MSE)EFQP
AFRHSLVPVEVPEGAPEVVRR(MSE)AHGARLVGVGPFAAVAGTIAQ(MSE)VAERFVDVSPELIVENGGDLYLYSERDR
VVGILPDPASGD(MSE)VGILVRAGTAPVSLCGSSARIGHSLSLGDGDLAVVRARDASLADAAATAFGN(MSE)LRRADD
VAAVTERAAQLASIGIEGVYAQCGGRIGIWGD(MSE)ELAVA
;
_entity_poly.pdbx_strand_id   A,B
#
loop_
_chem_comp.id
_chem_comp.type
_chem_comp.name
_chem_comp.formula
NA non-polymer 'SODIUM ION' 'Na 1'
#
# COMPACT_ATOMS: atom_id res chain seq x y z
N SER A 1 -2.94 -2.75 -3.81
CA SER A 1 -1.97 -3.68 -4.47
C SER A 1 -2.58 -4.35 -5.72
N LEU A 2 -1.74 -4.68 -6.69
CA LEU A 2 -2.23 -5.41 -7.87
C LEU A 2 -1.95 -6.89 -7.69
N PRO A 3 -2.86 -7.77 -8.20
CA PRO A 3 -4.12 -7.48 -8.88
C PRO A 3 -5.23 -7.11 -7.89
N MSE A 4 -6.36 -6.64 -8.42
CA MSE A 4 -7.54 -6.20 -7.66
C MSE A 4 -7.30 -4.95 -6.85
O MSE A 4 -7.19 -5.01 -5.62
CB MSE A 4 -8.17 -7.29 -6.78
CG MSE A 4 -9.27 -8.08 -7.45
SE MSE A 4 -8.60 -9.19 -8.90
CE MSE A 4 -8.99 -8.01 -10.37
N GLN A 5 -7.24 -3.83 -7.53
CA GLN A 5 -7.32 -2.54 -6.88
C GLN A 5 -8.39 -1.64 -7.53
N HIS A 6 -9.21 -1.01 -6.71
CA HIS A 6 -10.13 -0.04 -7.26
C HIS A 6 -9.31 0.99 -8.08
N VAL A 7 -9.70 1.24 -9.32
CA VAL A 7 -9.11 2.35 -10.10
C VAL A 7 -10.16 3.42 -10.38
N HIS A 8 -9.82 4.67 -10.05
CA HIS A 8 -10.77 5.77 -10.14
C HIS A 8 -11.13 6.10 -11.58
N THR A 9 -12.45 6.21 -11.81
CA THR A 9 -13.03 6.65 -13.09
C THR A 9 -14.20 7.61 -12.82
N SER A 10 -14.61 8.35 -13.84
CA SER A 10 -15.94 8.95 -13.80
C SER A 10 -16.88 7.93 -14.46
N PRO A 11 -18.02 7.68 -13.83
CA PRO A 11 -18.86 6.60 -14.35
C PRO A 11 -19.73 7.04 -15.54
N VAL A 12 -20.07 6.09 -16.42
CA VAL A 12 -21.09 6.32 -17.44
C VAL A 12 -22.48 6.05 -16.86
N ARG A 13 -22.57 5.08 -15.95
CA ARG A 13 -23.81 4.84 -15.21
C ARG A 13 -23.58 5.18 -13.74
N ASP A 14 -24.56 5.85 -13.15
CA ASP A 14 -24.49 6.21 -11.73
C ASP A 14 -25.88 6.23 -11.10
N TYR A 15 -26.47 5.04 -10.91
CA TYR A 15 -27.84 4.89 -10.40
C TYR A 15 -28.10 5.37 -8.97
N ARG A 16 -27.19 6.13 -8.39
CA ARG A 16 -27.49 6.91 -7.19
C ARG A 16 -28.34 8.07 -7.69
N ASN A 17 -29.62 8.05 -7.36
CA ASN A 17 -30.58 8.99 -7.96
C ASN A 17 -30.65 10.37 -7.25
N ARG A 18 -29.83 10.53 -6.19
CA ARG A 18 -29.75 11.75 -5.39
C ARG A 18 -28.40 12.47 -5.47
N CYS A 19 -27.32 11.71 -5.26
CA CYS A 19 -25.97 12.23 -4.91
C CYS A 19 -25.99 13.59 -4.18
N ALA A 20 -26.74 13.61 -3.09
CA ALA A 20 -26.55 14.58 -2.03
C ALA A 20 -25.70 13.79 -1.02
N ARG A 21 -25.90 14.03 0.27
CA ARG A 21 -25.26 13.25 1.36
C ARG A 21 -23.78 12.95 1.11
N ARG A 22 -23.52 11.97 0.24
CA ARG A 22 -22.18 11.42 0.06
C ARG A 22 -21.75 11.20 -1.41
N GLU A 23 -20.89 12.10 -1.89
CA GLU A 23 -20.06 11.86 -3.07
C GLU A 23 -18.60 11.71 -2.62
N GLY A 24 -18.32 12.25 -1.42
CA GLY A 24 -17.01 12.14 -0.81
C GLY A 24 -16.72 10.71 -0.38
N GLU A 25 -15.79 10.08 -1.09
CA GLU A 25 -15.31 8.76 -0.76
C GLU A 25 -14.02 8.84 0.02
N THR A 26 -13.96 8.13 1.13
CA THR A 26 -12.70 8.04 1.86
C THR A 26 -12.00 6.66 1.66
N VAL A 27 -10.69 6.65 1.83
CA VAL A 27 -9.92 5.45 1.60
C VAL A 27 -9.02 5.31 2.81
N PHE A 28 -9.04 4.11 3.38
CA PHE A 28 -8.23 3.82 4.55
C PHE A 28 -7.83 2.36 4.60
N GLN A 29 -6.93 2.10 5.51
CA GLN A 29 -6.31 0.83 5.69
C GLN A 29 -6.80 0.22 7.01
N VAL A 30 -7.18 -1.05 6.98
CA VAL A 30 -7.49 -1.80 8.19
C VAL A 30 -6.47 -2.93 8.33
N VAL A 31 -5.66 -2.88 9.36
CA VAL A 31 -4.61 -3.89 9.48
C VAL A 31 -4.70 -4.61 10.83
N VAL A 32 -4.84 -5.92 10.79
CA VAL A 32 -4.95 -6.69 12.04
C VAL A 32 -4.08 -7.90 11.89
N GLU A 33 -2.93 -7.85 12.56
CA GLU A 33 -1.88 -8.83 12.34
C GLU A 33 -1.58 -8.94 10.84
N GLU A 34 -1.88 -10.08 10.24
CA GLU A 34 -1.55 -10.30 8.85
C GLU A 34 -2.74 -10.08 7.90
N THR A 35 -3.89 -9.71 8.44
CA THR A 35 -4.99 -9.29 7.56
C THR A 35 -4.83 -7.81 7.26
N ASP A 36 -4.74 -7.49 5.99
CA ASP A 36 -4.46 -6.13 5.60
C ASP A 36 -5.45 -5.63 4.56
N LEU A 37 -6.36 -4.76 4.94
CA LEU A 37 -7.40 -4.34 4.02
C LEU A 37 -7.19 -2.94 3.50
N ARG A 38 -7.59 -2.72 2.25
CA ARG A 38 -7.68 -1.39 1.71
C ARG A 38 -9.16 -1.12 1.38
N VAL A 39 -9.74 -0.11 2.01
CA VAL A 39 -11.16 0.11 1.95
C VAL A 39 -11.53 1.49 1.38
N THR A 40 -12.49 1.49 0.48
CA THR A 40 -13.10 2.69 -0.03
C THR A 40 -14.54 2.76 0.49
N ALA A 41 -14.84 3.79 1.27
CA ALA A 41 -16.14 3.89 1.92
C ALA A 41 -16.70 5.30 1.87
N LEU A 42 -17.95 5.45 2.32
CA LEU A 42 -18.57 6.76 2.43
C LEU A 42 -18.42 7.35 3.81
N ALA A 43 -17.92 6.58 4.76
CA ALA A 43 -17.69 7.04 6.11
C ALA A 43 -16.39 6.47 6.62
N GLU A 44 -15.96 6.98 7.77
CA GLU A 44 -14.70 6.58 8.33
C GLU A 44 -14.97 5.45 9.29
N LEU A 45 -14.52 4.26 8.91
CA LEU A 45 -14.91 3.04 9.62
C LEU A 45 -13.74 2.14 9.97
N ALA A 46 -12.53 2.67 9.85
CA ALA A 46 -11.31 1.88 10.16
C ALA A 46 -11.42 1.22 11.51
N THR A 47 -11.74 2.02 12.55
CA THR A 47 -11.84 1.50 13.92
C THR A 47 -12.84 0.34 14.10
N PRO A 48 -14.13 0.56 13.80
CA PRO A 48 -15.04 -0.58 13.97
C PRO A 48 -14.67 -1.74 13.02
N MSE A 49 -14.16 -1.43 11.83
CA MSE A 49 -13.71 -2.48 10.92
C MSE A 49 -12.58 -3.36 11.44
O MSE A 49 -12.65 -4.56 11.27
CB MSE A 49 -13.38 -1.93 9.54
CG MSE A 49 -14.59 -1.78 8.74
SE MSE A 49 -14.15 -1.16 6.98
CE MSE A 49 -15.92 -1.34 6.21
N ALA A 50 -11.59 -2.76 12.09
CA ALA A 50 -10.52 -3.53 12.75
C ALA A 50 -11.02 -4.41 13.90
N ALA A 51 -11.97 -3.88 14.70
CA ALA A 51 -12.61 -4.66 15.74
C ALA A 51 -13.33 -5.89 15.16
N TYR A 52 -14.06 -5.70 14.06
CA TYR A 52 -14.75 -6.80 13.42
C TYR A 52 -13.81 -7.87 12.83
N VAL A 53 -12.77 -7.39 12.15
CA VAL A 53 -11.74 -8.28 11.61
C VAL A 53 -11.04 -9.05 12.76
N GLY A 54 -10.68 -8.35 13.83
CA GLY A 54 -10.12 -8.97 15.03
C GLY A 54 -10.99 -10.13 15.50
N GLU A 55 -12.30 -9.90 15.53
CA GLU A 55 -13.24 -10.94 15.94
C GLU A 55 -13.30 -12.13 15.01
N LEU A 56 -13.37 -11.91 13.68
CA LEU A 56 -13.33 -13.00 12.70
C LEU A 56 -12.04 -13.80 12.84
N ARG A 57 -10.94 -13.08 13.03
CA ARG A 57 -9.65 -13.74 13.21
C ARG A 57 -9.61 -14.62 14.47
N ALA A 58 -10.12 -14.11 15.59
CA ALA A 58 -10.24 -14.91 16.84
C ALA A 58 -11.06 -16.19 16.65
N GLN A 59 -12.14 -16.10 15.89
CA GLN A 59 -12.98 -17.26 15.63
C GLN A 59 -12.25 -18.35 14.83
N LEU A 60 -11.44 -17.94 13.85
CA LEU A 60 -10.66 -18.87 13.07
C LEU A 60 -9.58 -19.54 13.92
N LYS A 61 -8.85 -18.75 14.71
CA LYS A 61 -7.87 -19.27 15.65
C LYS A 61 -8.45 -20.37 16.57
N VAL A 62 -9.62 -20.08 17.15
CA VAL A 62 -10.34 -21.01 18.02
C VAL A 62 -10.75 -22.23 17.23
N TRP A 63 -11.29 -22.02 16.03
CA TRP A 63 -11.72 -23.17 15.24
C TRP A 63 -10.54 -24.06 14.83
N MSE A 64 -9.39 -23.44 14.61
CA MSE A 64 -8.18 -24.19 14.25
C MSE A 64 -7.65 -25.02 15.43
O MSE A 64 -7.05 -26.08 15.22
CB MSE A 64 -7.10 -23.26 13.71
CG MSE A 64 -7.33 -22.80 12.25
SE MSE A 64 -6.13 -21.28 11.93
CE MSE A 64 -7.35 -19.82 11.88
N GLU A 65 -7.85 -24.53 16.66
CA GLU A 65 -7.55 -25.29 17.87
C GLU A 65 -8.40 -26.54 17.97
N PHE A 66 -9.67 -26.42 17.58
CA PHE A 66 -10.66 -27.50 17.68
C PHE A 66 -10.53 -28.52 16.54
N GLN A 67 -10.35 -28.02 15.31
CA GLN A 67 -10.24 -28.87 14.11
C GLN A 67 -8.83 -28.72 13.50
N PRO A 68 -7.83 -29.45 14.05
CA PRO A 68 -6.39 -29.29 13.74
C PRO A 68 -6.01 -29.41 12.26
N ALA A 69 -6.81 -30.17 11.51
CA ALA A 69 -6.55 -30.43 10.09
C ALA A 69 -7.08 -29.32 9.16
N PHE A 70 -7.83 -28.36 9.73
CA PHE A 70 -8.55 -27.32 8.97
C PHE A 70 -7.60 -26.36 8.24
N ARG A 71 -6.61 -25.83 8.97
CA ARG A 71 -5.69 -24.80 8.48
C ARG A 71 -4.90 -25.19 7.22
N HIS A 72 -4.56 -26.48 7.10
CA HIS A 72 -3.70 -26.94 6.02
C HIS A 72 -4.32 -27.98 5.15
N SER A 73 -5.62 -28.21 5.31
CA SER A 73 -6.26 -29.12 4.39
C SER A 73 -6.23 -28.58 2.93
N LEU A 74 -5.89 -29.50 2.00
CA LEU A 74 -5.91 -29.23 0.56
C LEU A 74 -7.17 -29.78 -0.07
N VAL A 75 -8.09 -30.26 0.76
CA VAL A 75 -9.34 -30.88 0.32
C VAL A 75 -10.51 -30.42 1.20
N PRO A 76 -11.75 -30.56 0.72
CA PRO A 76 -12.89 -30.12 1.50
C PRO A 76 -12.94 -30.72 2.92
N VAL A 77 -13.46 -29.93 3.86
CA VAL A 77 -13.55 -30.34 5.26
C VAL A 77 -15.01 -30.24 5.72
N GLU A 78 -15.49 -31.26 6.41
CA GLU A 78 -16.86 -31.20 6.94
C GLU A 78 -16.88 -30.32 8.19
N VAL A 79 -17.90 -29.47 8.29
CA VAL A 79 -18.07 -28.60 9.46
C VAL A 79 -19.52 -28.62 9.91
N PRO A 80 -19.75 -28.67 11.24
CA PRO A 80 -21.10 -28.72 11.81
C PRO A 80 -21.85 -27.40 11.74
N GLU A 81 -23.18 -27.45 11.84
CA GLU A 81 -24.01 -26.22 11.88
C GLU A 81 -23.57 -25.22 12.98
N GLY A 82 -23.12 -25.72 14.12
CA GLY A 82 -22.73 -24.81 15.18
C GLY A 82 -21.45 -24.02 14.95
N ALA A 83 -20.70 -24.34 13.88
CA ALA A 83 -19.43 -23.66 13.57
C ALA A 83 -19.66 -22.15 13.29
N PRO A 84 -18.61 -21.31 13.47
CA PRO A 84 -18.70 -19.90 13.14
C PRO A 84 -19.03 -19.64 11.69
N GLU A 85 -19.77 -18.57 11.46
CA GLU A 85 -20.12 -18.19 10.10
C GLU A 85 -18.89 -18.16 9.17
N VAL A 86 -17.82 -17.45 9.56
CA VAL A 86 -16.65 -17.35 8.71
C VAL A 86 -16.16 -18.75 8.29
N VAL A 87 -16.05 -19.66 9.25
CA VAL A 87 -15.69 -21.08 9.00
C VAL A 87 -16.63 -21.80 8.03
N ARG A 88 -17.93 -21.66 8.23
CA ARG A 88 -18.90 -22.32 7.35
C ARG A 88 -18.88 -21.81 5.91
N ARG A 89 -18.77 -20.50 5.75
CA ARG A 89 -18.72 -19.90 4.39
C ARG A 89 -17.46 -20.32 3.65
N MSE A 90 -16.30 -20.25 4.28
CA MSE A 90 -15.09 -20.80 3.64
C MSE A 90 -15.15 -22.29 3.26
O MSE A 90 -14.82 -22.66 2.12
CB MSE A 90 -13.76 -20.40 4.33
CG MSE A 90 -13.65 -20.55 5.79
SE MSE A 90 -12.41 -19.20 6.55
CE MSE A 90 -10.72 -20.07 6.03
N ALA A 91 -15.63 -23.12 4.19
CA ALA A 91 -15.81 -24.56 3.93
C ALA A 91 -16.75 -24.85 2.77
N HIS A 92 -17.90 -24.17 2.72
CA HIS A 92 -18.83 -24.30 1.60
C HIS A 92 -18.22 -23.90 0.23
N GLY A 93 -17.63 -22.70 0.16
CA GLY A 93 -16.94 -22.23 -1.08
C GLY A 93 -15.88 -23.22 -1.55
N ALA A 94 -15.08 -23.73 -0.63
CA ALA A 94 -14.06 -24.70 -0.93
C ALA A 94 -14.62 -26.04 -1.41
N ARG A 95 -15.71 -26.49 -0.80
CA ARG A 95 -16.40 -27.72 -1.21
C ARG A 95 -17.01 -27.66 -2.60
N LEU A 96 -17.35 -26.46 -3.09
CA LEU A 96 -17.94 -26.35 -4.42
C LEU A 96 -16.97 -26.65 -5.55
N VAL A 97 -15.68 -26.46 -5.30
CA VAL A 97 -14.64 -26.64 -6.30
C VAL A 97 -13.57 -27.67 -5.87
N GLY A 98 -13.77 -28.25 -4.68
CA GLY A 98 -12.97 -29.40 -4.26
C GLY A 98 -11.59 -29.05 -3.73
N VAL A 99 -11.49 -27.92 -3.02
CA VAL A 99 -10.20 -27.53 -2.42
C VAL A 99 -10.39 -27.38 -0.91
N GLY A 100 -9.33 -26.96 -0.23
CA GLY A 100 -9.41 -26.77 1.19
C GLY A 100 -9.97 -25.43 1.62
N PRO A 101 -10.56 -25.39 2.83
CA PRO A 101 -11.24 -24.17 3.33
C PRO A 101 -10.35 -22.96 3.34
N PHE A 102 -9.07 -23.11 3.64
CA PHE A 102 -8.24 -21.90 3.66
C PHE A 102 -7.97 -21.23 2.27
N ALA A 103 -8.34 -21.90 1.19
CA ALA A 103 -8.28 -21.30 -0.13
C ALA A 103 -9.31 -20.19 -0.27
N ALA A 104 -10.25 -20.09 0.67
CA ALA A 104 -11.30 -19.09 0.61
C ALA A 104 -11.24 -18.03 1.73
N VAL A 105 -10.17 -18.05 2.54
CA VAL A 105 -10.13 -17.19 3.69
C VAL A 105 -10.26 -15.72 3.34
N ALA A 106 -9.41 -15.22 2.42
CA ALA A 106 -9.31 -13.78 2.13
C ALA A 106 -10.60 -13.22 1.50
N GLY A 107 -11.21 -13.99 0.61
CA GLY A 107 -12.45 -13.58 -0.03
C GLY A 107 -13.56 -13.51 0.99
N THR A 108 -13.61 -14.51 1.87
CA THR A 108 -14.66 -14.62 2.88
C THR A 108 -14.62 -13.41 3.80
N ILE A 109 -13.42 -13.09 4.31
CA ILE A 109 -13.19 -11.94 5.16
C ILE A 109 -13.58 -10.63 4.48
N ALA A 110 -13.20 -10.43 3.22
CA ALA A 110 -13.58 -9.19 2.47
C ALA A 110 -15.11 -9.04 2.32
N GLN A 111 -15.81 -10.13 2.00
CA GLN A 111 -17.26 -10.06 1.85
C GLN A 111 -17.99 -9.87 3.17
N MSE A 112 -17.52 -10.53 4.23
CA MSE A 112 -18.15 -10.38 5.54
C MSE A 112 -17.95 -9.02 6.12
O MSE A 112 -18.90 -8.47 6.68
CB MSE A 112 -17.69 -11.44 6.54
CG MSE A 112 -18.34 -12.77 6.19
SE MSE A 112 -17.97 -14.19 7.36
CE MSE A 112 -19.02 -13.57 8.88
N VAL A 113 -16.74 -8.48 5.98
CA VAL A 113 -16.49 -7.09 6.40
C VAL A 113 -17.41 -6.13 5.63
N ALA A 114 -17.54 -6.34 4.32
CA ALA A 114 -18.41 -5.53 3.47
C ALA A 114 -19.91 -5.62 3.86
N GLU A 115 -20.42 -6.82 4.13
CA GLU A 115 -21.79 -7.04 4.54
C GLU A 115 -22.17 -6.38 5.87
N ARG A 116 -21.22 -6.42 6.80
CA ARG A 116 -21.37 -5.80 8.10
C ARG A 116 -21.51 -4.27 8.04
N PHE A 117 -20.98 -3.62 7.00
CA PHE A 117 -20.94 -2.15 7.00
C PHE A 117 -21.62 -1.47 5.84
N VAL A 118 -22.06 -2.25 4.87
CA VAL A 118 -22.78 -1.67 3.76
C VAL A 118 -24.00 -0.81 4.20
N ASP A 119 -24.65 -1.16 5.31
CA ASP A 119 -25.81 -0.34 5.76
C ASP A 119 -25.44 1.11 6.04
N VAL A 120 -24.25 1.34 6.55
CA VAL A 120 -23.76 2.70 6.79
C VAL A 120 -22.91 3.28 5.66
N SER A 121 -22.65 2.49 4.62
CA SER A 121 -21.79 2.94 3.53
C SER A 121 -22.22 2.20 2.29
N PRO A 122 -23.35 2.58 1.70
CA PRO A 122 -23.87 1.84 0.53
C PRO A 122 -22.88 1.80 -0.67
N GLU A 123 -21.88 2.67 -0.66
CA GLU A 123 -20.76 2.55 -1.58
C GLU A 123 -19.60 2.00 -0.73
N LEU A 124 -19.12 0.80 -1.06
CA LEU A 124 -18.14 0.18 -0.17
C LEU A 124 -17.25 -0.82 -0.94
N ILE A 125 -15.94 -0.67 -0.85
CA ILE A 125 -15.02 -1.57 -1.57
C ILE A 125 -14.02 -2.08 -0.57
N VAL A 126 -13.97 -3.39 -0.40
CA VAL A 126 -13.03 -4.02 0.52
C VAL A 126 -12.00 -4.85 -0.28
N GLU A 127 -10.75 -4.41 -0.24
CA GLU A 127 -9.66 -5.06 -0.95
C GLU A 127 -8.82 -5.83 0.08
N ASN A 128 -8.69 -7.14 -0.13
CA ASN A 128 -7.87 -7.97 0.75
C ASN A 128 -6.88 -8.72 -0.10
N GLY A 129 -5.70 -8.12 -0.29
CA GLY A 129 -4.69 -8.67 -1.20
C GLY A 129 -5.21 -8.75 -2.62
N GLY A 130 -5.27 -9.95 -3.17
CA GLY A 130 -5.79 -10.17 -4.54
C GLY A 130 -7.29 -10.43 -4.58
N ASP A 131 -7.95 -10.24 -3.45
CA ASP A 131 -9.38 -10.45 -3.39
C ASP A 131 -10.07 -9.13 -3.10
N LEU A 132 -11.22 -8.94 -3.75
CA LEU A 132 -11.96 -7.71 -3.60
C LEU A 132 -13.49 -7.96 -3.54
N TYR A 133 -14.14 -7.35 -2.55
CA TYR A 133 -15.62 -7.30 -2.52
C TYR A 133 -16.16 -5.88 -2.76
N LEU A 134 -17.20 -5.76 -3.58
CA LEU A 134 -17.78 -4.48 -4.00
C LEU A 134 -19.30 -4.38 -3.74
N TYR A 135 -19.74 -3.34 -3.03
CA TYR A 135 -21.14 -2.86 -3.18
C TYR A 135 -21.10 -1.48 -3.79
N SER A 136 -21.92 -1.24 -4.80
CA SER A 136 -21.89 0.06 -5.49
C SER A 136 -23.15 0.30 -6.33
N GLU A 137 -23.50 1.56 -6.56
CA GLU A 137 -24.59 1.88 -7.51
C GLU A 137 -24.12 2.56 -8.78
N ARG A 138 -22.81 2.81 -8.87
CA ARG A 138 -22.22 3.27 -10.14
C ARG A 138 -21.24 2.26 -10.75
N ASP A 139 -20.90 2.46 -12.03
CA ASP A 139 -19.83 1.69 -12.68
C ASP A 139 -18.57 1.84 -11.85
N ARG A 140 -17.85 0.73 -11.71
CA ARG A 140 -16.60 0.70 -10.98
C ARG A 140 -15.65 -0.10 -11.83
N VAL A 141 -14.36 0.24 -11.79
CA VAL A 141 -13.31 -0.52 -12.50
C VAL A 141 -12.34 -1.05 -11.46
N VAL A 142 -12.10 -2.35 -11.54
CA VAL A 142 -11.19 -3.06 -10.66
C VAL A 142 -9.93 -3.41 -11.50
N GLY A 143 -8.79 -2.78 -11.16
CA GLY A 143 -7.54 -3.02 -11.88
C GLY A 143 -7.02 -4.42 -11.64
N ILE A 144 -6.57 -5.07 -12.70
CA ILE A 144 -6.00 -6.41 -12.62
C ILE A 144 -4.49 -6.28 -12.67
N LEU A 145 -3.99 -5.61 -13.70
CA LEU A 145 -2.58 -5.61 -14.03
C LEU A 145 -2.26 -4.47 -14.95
N PRO A 146 -1.02 -3.95 -14.82
CA PRO A 146 -0.59 -2.89 -15.73
C PRO A 146 -0.24 -3.47 -17.10
N ASP A 147 -0.36 -2.66 -18.15
CA ASP A 147 0.26 -2.98 -19.42
C ASP A 147 1.56 -2.17 -19.56
N PRO A 148 2.73 -2.82 -19.32
CA PRO A 148 4.04 -2.16 -19.32
C PRO A 148 4.30 -1.39 -20.61
N ALA A 149 3.96 -2.00 -21.75
CA ALA A 149 4.10 -1.39 -23.06
C ALA A 149 3.24 -0.13 -23.20
N SER A 150 1.91 -0.28 -23.06
CA SER A 150 0.95 0.84 -23.09
C SER A 150 1.32 1.91 -22.09
N GLY A 151 1.89 1.48 -20.96
CA GLY A 151 2.22 2.36 -19.86
C GLY A 151 1.08 2.54 -18.85
N ASP A 152 -0.08 1.89 -19.08
CA ASP A 152 -1.25 2.06 -18.18
C ASP A 152 -2.02 0.80 -17.70
N MSE A 153 -3.14 1.03 -17.02
CA MSE A 153 -3.87 0.00 -16.24
C MSE A 153 -4.94 -0.78 -17.02
O MSE A 153 -5.71 -0.21 -17.78
CB MSE A 153 -4.54 0.67 -15.05
CG MSE A 153 -5.19 -0.32 -14.10
SE MSE A 153 -3.79 -1.26 -13.15
CE MSE A 153 -3.58 0.07 -11.73
N VAL A 154 -4.96 -2.10 -16.83
CA VAL A 154 -6.03 -2.95 -17.35
C VAL A 154 -6.93 -3.46 -16.20
N GLY A 155 -8.25 -3.25 -16.34
CA GLY A 155 -9.20 -3.58 -15.30
C GLY A 155 -10.45 -4.32 -15.76
N ILE A 156 -11.22 -4.80 -14.80
CA ILE A 156 -12.55 -5.37 -15.07
C ILE A 156 -13.65 -4.37 -14.71
N LEU A 157 -14.60 -4.20 -15.62
CA LEU A 157 -15.74 -3.33 -15.40
C LEU A 157 -16.85 -4.03 -14.64
N VAL A 158 -17.23 -3.45 -13.51
CA VAL A 158 -18.44 -3.88 -12.81
C VAL A 158 -19.53 -2.80 -13.06
N ARG A 159 -20.46 -3.10 -13.96
CA ARG A 159 -21.49 -2.13 -14.37
C ARG A 159 -22.44 -1.83 -13.24
N ALA A 160 -22.91 -0.58 -13.19
CA ALA A 160 -23.89 -0.12 -12.19
C ALA A 160 -25.09 -1.05 -12.12
N GLY A 161 -25.50 -1.40 -10.92
CA GLY A 161 -26.57 -2.38 -10.75
C GLY A 161 -26.18 -3.83 -10.59
N THR A 162 -24.97 -4.24 -10.99
CA THR A 162 -24.57 -5.67 -10.95
C THR A 162 -23.85 -6.10 -9.67
N ALA A 163 -23.31 -5.16 -8.91
CA ALA A 163 -22.85 -5.43 -7.55
C ALA A 163 -24.06 -5.67 -6.62
N PRO A 164 -23.89 -6.34 -5.46
CA PRO A 164 -22.65 -6.85 -4.83
C PRO A 164 -21.96 -7.96 -5.61
N VAL A 165 -20.63 -7.92 -5.60
CA VAL A 165 -19.84 -8.95 -6.29
C VAL A 165 -18.40 -9.06 -5.76
N SER A 166 -17.82 -10.24 -5.97
CA SER A 166 -16.43 -10.52 -5.68
C SER A 166 -15.60 -10.57 -6.96
N LEU A 167 -14.38 -10.08 -6.88
CA LEU A 167 -13.36 -10.39 -7.88
C LEU A 167 -12.16 -10.92 -7.15
N CYS A 168 -11.82 -12.17 -7.43
CA CYS A 168 -10.76 -12.83 -6.67
C CYS A 168 -9.70 -13.37 -7.60
N GLY A 169 -8.44 -13.07 -7.30
CA GLY A 169 -7.33 -13.41 -8.14
C GLY A 169 -6.46 -14.47 -7.50
N SER A 170 -5.79 -15.25 -8.33
CA SER A 170 -5.00 -16.39 -7.88
C SER A 170 -3.66 -15.98 -7.26
N SER A 171 -3.22 -14.73 -7.49
CA SER A 171 -2.01 -14.20 -6.85
C SER A 171 -2.24 -12.83 -6.20
N ALA A 172 -1.59 -12.58 -5.06
CA ALA A 172 -1.81 -11.35 -4.27
C ALA A 172 -0.90 -10.15 -4.59
N ARG A 173 0.33 -10.43 -5.04
CA ARG A 173 1.28 -9.38 -5.45
C ARG A 173 1.76 -9.55 -6.91
N ILE A 174 2.56 -8.60 -7.40
CA ILE A 174 3.01 -8.59 -8.81
C ILE A 174 4.55 -8.57 -9.02
N GLY A 175 5.23 -9.71 -8.86
CA GLY A 175 4.64 -11.03 -8.63
C GLY A 175 5.64 -12.19 -8.54
N HIS A 176 6.82 -12.06 -9.17
CA HIS A 176 7.32 -10.81 -9.78
C HIS A 176 7.05 -10.65 -11.28
N SER A 177 6.67 -11.73 -11.94
CA SER A 177 6.52 -11.73 -13.39
C SER A 177 5.20 -11.14 -13.87
N LEU A 178 4.32 -10.80 -12.93
CA LEU A 178 2.92 -10.53 -13.26
C LEU A 178 2.66 -9.20 -13.99
N SER A 179 2.34 -9.31 -15.29
CA SER A 179 1.83 -8.20 -16.10
C SER A 179 0.91 -8.76 -17.20
N LEU A 180 0.34 -7.89 -18.04
CA LEU A 180 -0.52 -8.36 -19.11
C LEU A 180 0.19 -9.35 -20.02
N GLY A 181 -0.27 -10.59 -20.05
CA GLY A 181 0.35 -11.66 -20.85
C GLY A 181 1.33 -12.52 -20.09
N ASP A 182 2.18 -11.87 -19.27
CA ASP A 182 3.35 -12.42 -18.59
C ASP A 182 3.09 -12.82 -17.12
N GLY A 183 3.08 -14.12 -16.84
CA GLY A 183 2.86 -14.63 -15.47
C GLY A 183 1.48 -15.23 -15.29
N ASP A 184 1.35 -16.29 -14.50
CA ASP A 184 0.08 -16.99 -14.44
C ASP A 184 -0.88 -16.32 -13.48
N LEU A 185 -2.12 -16.20 -13.92
CA LEU A 185 -3.14 -15.50 -13.17
C LEU A 185 -4.54 -15.98 -13.56
N ALA A 186 -5.34 -16.33 -12.56
CA ALA A 186 -6.76 -16.52 -12.81
C ALA A 186 -7.49 -15.50 -11.96
N VAL A 187 -8.49 -14.84 -12.56
CA VAL A 187 -9.39 -13.95 -11.81
C VAL A 187 -10.82 -14.44 -11.97
N VAL A 188 -11.51 -14.59 -10.87
CA VAL A 188 -12.86 -15.15 -10.84
C VAL A 188 -13.83 -14.15 -10.26
N ARG A 189 -14.99 -14.04 -10.91
CA ARG A 189 -16.11 -13.18 -10.52
C ARG A 189 -17.24 -14.05 -10.02
N ALA A 190 -17.69 -13.79 -8.80
CA ALA A 190 -18.89 -14.43 -8.28
C ALA A 190 -19.46 -13.59 -7.12
N ARG A 191 -20.75 -13.72 -6.91
CA ARG A 191 -21.39 -13.05 -5.80
C ARG A 191 -20.80 -13.54 -4.48
N ASP A 192 -20.60 -14.85 -4.39
CA ASP A 192 -20.05 -15.44 -3.18
C ASP A 192 -18.52 -15.44 -3.24
N ALA A 193 -17.89 -14.63 -2.38
CA ALA A 193 -16.43 -14.47 -2.40
C ALA A 193 -15.65 -15.73 -1.94
N SER A 194 -16.29 -16.57 -1.13
CA SER A 194 -15.73 -17.84 -0.70
C SER A 194 -15.56 -18.72 -1.94
N LEU A 195 -16.60 -18.81 -2.76
CA LEU A 195 -16.52 -19.55 -4.02
C LEU A 195 -15.48 -18.93 -4.98
N ALA A 196 -15.53 -17.62 -5.19
CA ALA A 196 -14.59 -16.98 -6.11
C ALA A 196 -13.13 -17.19 -5.70
N ASP A 197 -12.89 -17.11 -4.41
CA ASP A 197 -11.54 -17.21 -3.86
C ASP A 197 -11.03 -18.67 -3.95
N ALA A 198 -11.88 -19.63 -3.57
CA ALA A 198 -11.54 -21.06 -3.70
C ALA A 198 -11.37 -21.43 -5.19
N ALA A 199 -12.26 -20.93 -6.04
CA ALA A 199 -12.12 -21.15 -7.49
C ALA A 199 -10.81 -20.57 -8.07
N ALA A 200 -10.40 -19.40 -7.59
CA ALA A 200 -9.17 -18.79 -8.09
C ALA A 200 -7.96 -19.66 -7.75
N THR A 201 -8.02 -20.34 -6.61
CA THR A 201 -7.02 -21.29 -6.21
C THR A 201 -7.04 -22.54 -7.10
N ALA A 202 -8.23 -23.11 -7.28
CA ALA A 202 -8.37 -24.29 -8.13
C ALA A 202 -7.89 -23.94 -9.53
N PHE A 203 -8.32 -22.79 -10.05
CA PHE A 203 -7.94 -22.42 -11.44
C PHE A 203 -6.47 -22.11 -11.52
N GLY A 204 -5.94 -21.47 -10.49
CA GLY A 204 -4.52 -21.16 -10.41
C GLY A 204 -3.68 -22.42 -10.48
N ASN A 205 -4.08 -23.41 -9.69
CA ASN A 205 -3.41 -24.70 -9.62
C ASN A 205 -3.39 -25.36 -10.99
N MSE A 206 -4.47 -25.18 -11.75
CA MSE A 206 -4.52 -25.84 -13.06
C MSE A 206 -3.73 -25.15 -14.18
O MSE A 206 -3.42 -25.76 -15.19
CB MSE A 206 -5.92 -26.36 -13.42
CG MSE A 206 -6.96 -25.40 -13.83
SE MSE A 206 -8.74 -26.17 -13.44
CE MSE A 206 -9.26 -26.82 -15.22
N LEU A 207 -3.31 -23.91 -13.93
CA LEU A 207 -2.52 -23.17 -14.92
C LEU A 207 -1.04 -23.46 -14.80
N ARG A 208 -0.57 -24.41 -15.62
CA ARG A 208 0.84 -24.76 -15.67
C ARG A 208 1.45 -24.34 -17.00
N ARG A 209 0.71 -24.56 -18.09
CA ARG A 209 1.19 -24.13 -19.41
C ARG A 209 0.07 -23.49 -20.24
N ALA A 210 0.47 -22.70 -21.25
CA ALA A 210 -0.42 -22.10 -22.26
C ALA A 210 -1.70 -22.86 -22.57
N ASP A 211 -1.60 -24.17 -22.82
CA ASP A 211 -2.75 -25.02 -23.13
C ASP A 211 -3.77 -25.15 -21.99
N ASP A 212 -3.33 -24.83 -20.78
CA ASP A 212 -4.18 -24.93 -19.60
C ASP A 212 -5.22 -23.81 -19.53
N VAL A 213 -4.96 -22.68 -20.20
CA VAL A 213 -5.89 -21.56 -20.24
C VAL A 213 -7.29 -22.00 -20.72
N ALA A 214 -7.35 -22.77 -21.81
CA ALA A 214 -8.61 -23.28 -22.33
C ALA A 214 -9.31 -24.23 -21.36
N ALA A 215 -8.53 -25.00 -20.60
CA ALA A 215 -9.10 -25.88 -19.55
C ALA A 215 -9.79 -25.06 -18.42
N VAL A 216 -9.23 -23.91 -18.12
CA VAL A 216 -9.81 -23.04 -17.10
C VAL A 216 -11.13 -22.36 -17.57
N THR A 217 -11.14 -21.76 -18.76
CA THR A 217 -12.35 -21.09 -19.27
C THR A 217 -13.50 -22.08 -19.49
N GLU A 218 -13.15 -23.27 -19.95
CA GLU A 218 -14.10 -24.35 -20.06
C GLU A 218 -14.61 -24.80 -18.70
N ARG A 219 -13.69 -25.03 -17.75
CA ARG A 219 -14.16 -25.39 -16.39
C ARG A 219 -15.02 -24.30 -15.74
N ALA A 220 -14.66 -23.02 -15.94
CA ALA A 220 -15.47 -21.91 -15.40
C ALA A 220 -16.90 -21.91 -15.98
N ALA A 221 -17.01 -22.19 -17.27
CA ALA A 221 -18.31 -22.28 -17.91
C ALA A 221 -19.17 -23.41 -17.33
N GLN A 222 -18.52 -24.51 -16.97
CA GLN A 222 -19.20 -25.62 -16.29
C GLN A 222 -19.69 -25.22 -14.91
N LEU A 223 -18.96 -24.34 -14.24
CA LEU A 223 -19.37 -23.88 -12.92
C LEU A 223 -20.34 -22.69 -12.90
N ALA A 224 -20.85 -22.25 -14.05
CA ALA A 224 -21.82 -21.14 -14.02
C ALA A 224 -23.06 -21.42 -13.14
N SER A 225 -23.59 -22.64 -13.19
CA SER A 225 -24.79 -23.03 -12.40
C SER A 225 -24.58 -23.05 -10.87
N ILE A 226 -23.33 -23.06 -10.40
CA ILE A 226 -23.08 -22.95 -8.96
C ILE A 226 -22.65 -21.57 -8.51
N GLY A 227 -22.60 -20.64 -9.45
CA GLY A 227 -22.39 -19.25 -9.08
C GLY A 227 -21.29 -18.47 -9.79
N ILE A 228 -20.47 -19.14 -10.61
CA ILE A 228 -19.35 -18.47 -11.28
C ILE A 228 -19.81 -17.60 -12.44
N GLU A 229 -19.54 -16.29 -12.38
CA GLU A 229 -20.11 -15.32 -13.35
C GLU A 229 -19.14 -15.01 -14.50
N GLY A 230 -17.85 -15.24 -14.26
CA GLY A 230 -16.81 -15.00 -15.25
C GLY A 230 -15.41 -15.32 -14.80
N VAL A 231 -14.53 -15.51 -15.77
CA VAL A 231 -13.15 -15.75 -15.49
C VAL A 231 -12.25 -15.07 -16.49
N TYR A 232 -11.14 -14.60 -15.96
CA TYR A 232 -10.02 -14.15 -16.71
C TYR A 232 -8.83 -15.11 -16.40
N ALA A 233 -8.27 -15.72 -17.41
CA ALA A 233 -7.09 -16.60 -17.23
C ALA A 233 -5.96 -16.26 -18.17
N GLN A 234 -4.77 -16.13 -17.60
CA GLN A 234 -3.55 -15.78 -18.32
C GLN A 234 -2.49 -16.82 -17.95
N CYS A 235 -1.77 -17.34 -18.94
CA CYS A 235 -0.65 -18.22 -18.72
C CYS A 235 0.14 -18.44 -20.00
N GLY A 236 1.44 -18.20 -19.94
CA GLY A 236 2.37 -18.56 -21.01
C GLY A 236 2.10 -17.85 -22.31
N GLY A 237 1.80 -16.55 -22.20
CA GLY A 237 1.41 -15.74 -23.33
C GLY A 237 -0.03 -15.88 -23.84
N ARG A 238 -0.81 -16.77 -23.27
CA ARG A 238 -2.21 -16.97 -23.68
C ARG A 238 -3.20 -16.34 -22.68
N ILE A 239 -4.24 -15.71 -23.21
CA ILE A 239 -5.27 -15.01 -22.41
C ILE A 239 -6.61 -15.53 -22.83
N GLY A 240 -7.38 -15.99 -21.87
CA GLY A 240 -8.68 -16.53 -22.08
C GLY A 240 -9.67 -15.91 -21.12
N ILE A 241 -10.83 -15.59 -21.65
CA ILE A 241 -11.84 -14.89 -20.90
C ILE A 241 -13.15 -15.66 -21.14
N TRP A 242 -13.87 -15.94 -20.05
CA TRP A 242 -15.21 -16.47 -20.16
C TRP A 242 -16.21 -15.62 -19.33
N GLY A 243 -17.43 -15.45 -19.88
CA GLY A 243 -18.59 -14.90 -19.14
C GLY A 243 -18.57 -13.40 -18.93
N ASP A 244 -19.03 -12.94 -17.78
CA ASP A 244 -19.22 -11.50 -17.55
C ASP A 244 -17.93 -10.74 -17.17
N MSE A 245 -17.06 -10.62 -18.15
CA MSE A 245 -15.73 -10.05 -17.95
CA MSE A 245 -15.71 -10.07 -17.96
C MSE A 245 -15.43 -9.05 -19.06
O MSE A 245 -14.91 -9.40 -20.15
CB MSE A 245 -14.67 -11.19 -17.89
CB MSE A 245 -14.68 -11.23 -18.00
CG MSE A 245 -14.90 -12.22 -16.77
CG MSE A 245 -13.54 -11.15 -16.98
SE MSE A 245 -15.10 -11.46 -14.94
SE MSE A 245 -14.28 -11.34 -15.18
CE MSE A 245 -13.51 -12.16 -14.03
CE MSE A 245 -12.78 -12.12 -14.21
N GLU A 246 -15.78 -7.80 -18.84
CA GLU A 246 -15.50 -6.78 -19.82
C GLU A 246 -14.30 -6.00 -19.30
N LEU A 247 -13.31 -5.76 -20.16
CA LEU A 247 -12.09 -5.08 -19.70
C LEU A 247 -12.14 -3.60 -20.02
N ALA A 248 -11.66 -2.77 -19.11
CA ALA A 248 -11.52 -1.35 -19.34
C ALA A 248 -10.02 -1.03 -19.29
N VAL A 249 -9.57 -0.21 -20.23
CA VAL A 249 -8.17 0.21 -20.30
C VAL A 249 -7.98 1.73 -20.16
N ALA B 20 31.10 11.46 7.73
CA ALA B 20 30.60 10.62 8.87
C ALA B 20 30.82 11.29 10.23
N ARG B 21 32.07 11.64 10.54
CA ARG B 21 32.39 12.53 11.67
C ARG B 21 33.69 13.31 11.44
N ARG B 22 33.62 14.60 11.76
CA ARG B 22 34.76 15.51 11.75
C ARG B 22 35.24 15.63 13.20
N GLU B 23 36.32 16.38 13.43
CA GLU B 23 36.82 16.60 14.79
C GLU B 23 36.04 17.72 15.51
N GLY B 24 35.26 17.31 16.51
CA GLY B 24 34.30 18.19 17.18
C GLY B 24 32.90 17.93 16.67
N GLU B 25 32.57 16.65 16.50
CA GLU B 25 31.32 16.21 15.86
C GLU B 25 31.03 14.76 16.29
N THR B 26 29.84 14.54 16.85
CA THR B 26 29.50 13.26 17.52
C THR B 26 28.21 12.60 17.00
N VAL B 27 28.12 11.27 17.17
CA VAL B 27 26.99 10.46 16.71
C VAL B 27 26.38 9.62 17.84
N PHE B 28 25.08 9.76 18.04
CA PHE B 28 24.36 9.03 19.09
C PHE B 28 22.97 8.61 18.63
N GLN B 29 22.38 7.67 19.37
CA GLN B 29 21.02 7.23 19.16
C GLN B 29 20.05 8.04 20.02
N VAL B 30 18.76 8.00 19.66
CA VAL B 30 17.66 8.56 20.45
C VAL B 30 16.43 7.69 20.19
N VAL B 31 16.02 6.91 21.17
CA VAL B 31 14.88 6.01 20.99
C VAL B 31 13.83 6.12 22.09
N VAL B 32 12.64 6.60 21.73
CA VAL B 32 11.49 6.47 22.60
C VAL B 32 10.44 5.66 21.84
N GLU B 33 10.03 4.55 22.44
CA GLU B 33 9.12 3.59 21.81
C GLU B 33 9.54 3.27 20.36
N GLU B 34 8.62 3.42 19.41
CA GLU B 34 8.86 3.14 17.99
C GLU B 34 9.84 4.10 17.29
N THR B 35 9.97 5.31 17.82
CA THR B 35 10.79 6.34 17.19
C THR B 35 12.28 6.14 17.53
N ASP B 36 13.08 6.01 16.47
CA ASP B 36 14.45 5.51 16.57
C ASP B 36 15.34 6.39 15.71
N LEU B 37 16.02 7.35 16.35
CA LEU B 37 16.82 8.35 15.64
C LEU B 37 18.32 8.07 15.72
N ARG B 38 19.03 8.29 14.62
CA ARG B 38 20.48 8.39 14.63
C ARG B 38 20.80 9.83 14.33
N VAL B 39 21.42 10.49 15.30
CA VAL B 39 21.72 11.93 15.21
C VAL B 39 23.21 12.16 15.13
N THR B 40 23.59 13.20 14.40
CA THR B 40 24.98 13.62 14.28
C THR B 40 25.01 15.10 14.60
N ALA B 41 25.60 15.44 15.75
CA ALA B 41 25.59 16.83 16.23
C ALA B 41 26.94 17.30 16.82
N LEU B 42 26.96 18.54 17.28
CA LEU B 42 28.16 19.12 17.87
C LEU B 42 28.18 18.96 19.39
N ALA B 43 27.13 18.35 19.94
CA ALA B 43 26.98 18.13 21.38
C ALA B 43 26.31 16.77 21.66
N GLU B 44 26.44 16.27 22.90
CA GLU B 44 25.60 15.17 23.36
C GLU B 44 24.24 15.73 23.74
N LEU B 45 23.20 15.23 23.09
CA LEU B 45 21.88 15.85 23.19
C LEU B 45 20.78 14.84 23.35
N ALA B 46 21.15 13.58 23.55
CA ALA B 46 20.17 12.51 23.61
C ALA B 46 19.05 12.81 24.60
N THR B 47 19.41 13.32 25.77
CA THR B 47 18.43 13.49 26.85
C THR B 47 17.34 14.49 26.51
N PRO B 48 17.71 15.73 26.17
CA PRO B 48 16.63 16.62 25.75
C PRO B 48 15.93 16.22 24.42
N MSE B 49 16.63 15.48 23.55
CA MSE B 49 16.01 15.05 22.29
C MSE B 49 14.88 14.05 22.53
O MSE B 49 13.79 14.22 22.00
CB MSE B 49 17.05 14.55 21.27
CG MSE B 49 17.75 15.69 20.50
SE MSE B 49 19.08 15.13 19.16
CE MSE B 49 19.66 16.87 18.50
N ALA B 50 15.14 13.05 23.39
CA ALA B 50 14.11 12.11 23.81
C ALA B 50 12.93 12.79 24.52
N ALA B 51 13.20 13.84 25.30
CA ALA B 51 12.11 14.65 25.88
C ALA B 51 11.24 15.26 24.78
N TYR B 52 11.88 15.92 23.81
CA TYR B 52 11.15 16.55 22.74
C TYR B 52 10.36 15.50 21.91
N VAL B 53 11.06 14.47 21.41
CA VAL B 53 10.40 13.30 20.78
C VAL B 53 9.18 12.78 21.57
N GLY B 54 9.35 12.52 22.87
CA GLY B 54 8.23 12.14 23.73
C GLY B 54 7.09 13.14 23.70
N GLU B 55 7.42 14.43 23.78
CA GLU B 55 6.42 15.51 23.67
C GLU B 55 5.61 15.43 22.36
N LEU B 56 6.31 15.34 21.22
CA LEU B 56 5.67 15.21 19.92
C LEU B 56 4.83 13.96 19.82
N ARG B 57 5.39 12.83 20.27
CA ARG B 57 4.66 11.58 20.25
C ARG B 57 3.37 11.64 21.05
N ALA B 58 3.42 12.27 22.23
CA ALA B 58 2.24 12.39 23.10
C ALA B 58 1.18 13.29 22.45
N GLN B 59 1.63 14.36 21.82
CA GLN B 59 0.73 15.22 21.03
C GLN B 59 0.01 14.40 19.95
N LEU B 60 0.79 13.60 19.22
CA LEU B 60 0.24 12.75 18.18
C LEU B 60 -0.80 11.76 18.72
N LYS B 61 -0.49 11.08 19.83
CA LYS B 61 -1.44 10.15 20.47
C LYS B 61 -2.77 10.75 20.92
N VAL B 62 -2.73 11.95 21.50
CA VAL B 62 -3.95 12.62 21.90
C VAL B 62 -4.74 13.03 20.67
N TRP B 63 -4.05 13.54 19.65
CA TRP B 63 -4.73 13.87 18.43
C TRP B 63 -5.42 12.62 17.86
N MSE B 64 -4.70 11.52 17.78
CA MSE B 64 -5.30 10.24 17.31
C MSE B 64 -6.49 9.79 18.15
O MSE B 64 -7.45 9.23 17.61
CB MSE B 64 -4.26 9.13 17.25
CG MSE B 64 -3.23 9.36 16.16
SE MSE B 64 -1.73 8.12 16.30
CE MSE B 64 -1.55 7.90 18.22
N GLU B 65 -6.43 10.01 19.47
CA GLU B 65 -7.56 9.69 20.33
C GLU B 65 -8.75 10.58 19.99
N PHE B 66 -8.51 11.85 19.67
CA PHE B 66 -9.57 12.76 19.22
C PHE B 66 -10.11 12.46 17.79
N GLN B 67 -9.21 12.20 16.84
CA GLN B 67 -9.56 12.04 15.41
C GLN B 67 -9.09 10.65 14.96
N PRO B 68 -9.88 9.59 15.27
CA PRO B 68 -9.40 8.20 15.12
C PRO B 68 -9.22 7.74 13.65
N ALA B 69 -9.74 8.48 12.69
CA ALA B 69 -9.53 8.16 11.30
C ALA B 69 -8.15 8.59 10.79
N PHE B 70 -7.47 9.44 11.54
CA PHE B 70 -6.24 10.12 11.08
C PHE B 70 -5.15 9.11 10.76
N ARG B 71 -5.03 8.14 11.65
CA ARG B 71 -3.92 7.19 11.63
C ARG B 71 -3.97 6.24 10.44
N HIS B 72 -5.17 5.97 9.95
CA HIS B 72 -5.35 4.89 8.94
C HIS B 72 -5.68 5.38 7.54
N SER B 73 -5.94 6.68 7.40
CA SER B 73 -6.26 7.31 6.12
C SER B 73 -5.18 7.13 5.06
N LEU B 74 -5.59 6.82 3.85
CA LEU B 74 -4.65 6.68 2.73
C LEU B 74 -4.87 7.86 1.80
N VAL B 75 -5.72 8.80 2.22
CA VAL B 75 -5.96 9.99 1.42
C VAL B 75 -5.80 11.19 2.37
N PRO B 76 -5.63 12.43 1.84
CA PRO B 76 -5.48 13.61 2.72
C PRO B 76 -6.63 13.76 3.71
N VAL B 77 -6.32 14.27 4.90
CA VAL B 77 -7.28 14.52 5.97
C VAL B 77 -7.28 16.01 6.35
N GLU B 78 -8.49 16.56 6.56
CA GLU B 78 -8.64 17.94 7.05
C GLU B 78 -8.28 18.04 8.53
N VAL B 79 -7.34 18.91 8.85
CA VAL B 79 -7.11 19.22 10.25
C VAL B 79 -7.32 20.71 10.48
N PRO B 80 -7.95 21.06 11.62
CA PRO B 80 -8.18 22.43 12.05
C PRO B 80 -6.90 23.08 12.53
N GLU B 81 -6.89 24.41 12.57
CA GLU B 81 -5.73 25.21 12.99
C GLU B 81 -5.30 24.90 14.43
N GLY B 82 -6.24 24.42 15.24
CA GLY B 82 -5.92 24.10 16.62
C GLY B 82 -5.18 22.79 16.82
N ALA B 83 -5.05 22.00 15.76
CA ALA B 83 -4.28 20.75 15.82
C ALA B 83 -2.81 21.03 16.21
N PRO B 84 -2.15 20.07 16.88
CA PRO B 84 -0.72 20.25 17.19
C PRO B 84 0.08 20.57 15.93
N GLU B 85 1.24 21.21 16.10
CA GLU B 85 2.05 21.52 14.92
C GLU B 85 2.50 20.28 14.10
N VAL B 86 2.90 19.22 14.80
CA VAL B 86 3.33 17.98 14.13
C VAL B 86 2.21 17.40 13.23
N VAL B 87 0.98 17.36 13.74
CA VAL B 87 -0.19 16.92 12.95
C VAL B 87 -0.44 17.80 11.70
N ARG B 88 -0.55 19.11 11.93
CA ARG B 88 -0.73 20.08 10.82
C ARG B 88 0.33 19.97 9.75
N ARG B 89 1.56 19.75 10.16
CA ARG B 89 2.70 19.55 9.22
C ARG B 89 2.52 18.27 8.36
N MSE B 90 2.27 17.14 9.03
CA MSE B 90 2.02 15.86 8.33
C MSE B 90 0.84 15.98 7.36
O MSE B 90 0.95 15.62 6.17
CB MSE B 90 1.75 14.73 9.33
CG MSE B 90 2.89 14.42 10.28
SE MSE B 90 2.22 13.43 11.83
CE MSE B 90 1.36 11.92 10.98
N ALA B 91 -0.26 16.55 7.84
CA ALA B 91 -1.45 16.74 6.98
C ALA B 91 -1.16 17.57 5.73
N HIS B 92 -0.47 18.70 5.93
CA HIS B 92 -0.12 19.56 4.79
C HIS B 92 0.74 18.82 3.77
N GLY B 93 1.81 18.18 4.25
CA GLY B 93 2.71 17.49 3.32
C GLY B 93 1.94 16.45 2.52
N ALA B 94 1.16 15.63 3.23
CA ALA B 94 0.45 14.55 2.61
C ALA B 94 -0.54 15.09 1.58
N ARG B 95 -1.25 16.17 1.92
CA ARG B 95 -2.17 16.83 1.00
C ARG B 95 -1.53 17.26 -0.31
N LEU B 96 -0.30 17.77 -0.25
CA LEU B 96 0.40 18.16 -1.48
C LEU B 96 0.54 16.98 -2.46
N VAL B 97 0.68 15.75 -1.97
CA VAL B 97 0.76 14.62 -2.88
C VAL B 97 -0.42 13.64 -2.90
N GLY B 98 -1.49 13.94 -2.17
CA GLY B 98 -2.68 13.09 -2.15
C GLY B 98 -2.56 11.73 -1.44
N VAL B 99 -1.79 11.67 -0.36
CA VAL B 99 -1.70 10.45 0.43
C VAL B 99 -2.24 10.75 1.84
N GLY B 100 -2.12 9.82 2.78
CA GLY B 100 -2.62 10.06 4.13
C GLY B 100 -1.52 10.67 4.98
N PRO B 101 -1.90 11.44 6.01
CA PRO B 101 -0.91 12.06 6.92
C PRO B 101 0.21 11.16 7.43
N PHE B 102 -0.09 9.89 7.71
CA PHE B 102 0.91 9.05 8.34
C PHE B 102 2.07 8.68 7.42
N ALA B 103 1.85 8.84 6.12
CA ALA B 103 2.92 8.72 5.15
C ALA B 103 3.98 9.84 5.35
N ALA B 104 3.74 10.80 6.24
CA ALA B 104 4.71 11.88 6.47
C ALA B 104 5.25 11.95 7.90
N VAL B 105 4.89 10.98 8.77
CA VAL B 105 5.18 11.09 10.19
C VAL B 105 6.70 11.11 10.48
N ALA B 106 7.47 10.22 9.84
CA ALA B 106 8.88 10.06 10.18
C ALA B 106 9.67 11.30 9.76
N GLY B 107 9.58 11.69 8.49
CA GLY B 107 10.15 12.97 8.06
C GLY B 107 9.80 14.17 8.94
N THR B 108 8.53 14.27 9.35
CA THR B 108 8.08 15.41 10.11
C THR B 108 8.78 15.43 11.47
N ILE B 109 8.89 14.27 12.11
CA ILE B 109 9.57 14.19 13.40
C ILE B 109 11.03 14.58 13.23
N ALA B 110 11.68 14.06 12.19
CA ALA B 110 13.08 14.36 11.94
C ALA B 110 13.34 15.86 11.69
N GLN B 111 12.51 16.52 10.88
CA GLN B 111 12.65 17.96 10.64
C GLN B 111 12.43 18.75 11.94
N MSE B 112 11.36 18.45 12.66
CA MSE B 112 11.06 19.15 13.93
C MSE B 112 12.11 19.00 15.04
O MSE B 112 12.35 19.95 15.79
CB MSE B 112 9.67 18.75 14.43
CG MSE B 112 8.61 19.30 13.52
SE MSE B 112 6.86 18.94 14.19
CE MSE B 112 6.52 20.52 15.28
N VAL B 113 12.72 17.82 15.16
CA VAL B 113 13.79 17.61 16.13
C VAL B 113 14.99 18.46 15.72
N ALA B 114 15.25 18.52 14.41
CA ALA B 114 16.37 19.27 13.88
C ALA B 114 16.19 20.76 14.10
N GLU B 115 15.00 21.26 13.79
CA GLU B 115 14.69 22.67 13.96
C GLU B 115 14.83 23.12 15.42
N ARG B 116 14.46 22.23 16.34
CA ARG B 116 14.43 22.54 17.74
C ARG B 116 15.83 22.66 18.31
N PHE B 117 16.75 21.85 17.80
CA PHE B 117 18.13 21.75 18.30
C PHE B 117 19.21 22.35 17.42
N VAL B 118 18.83 22.89 16.26
CA VAL B 118 19.80 23.51 15.36
C VAL B 118 20.59 24.63 16.08
N ASP B 119 19.89 25.49 16.82
CA ASP B 119 20.51 26.63 17.50
C ASP B 119 21.77 26.28 18.32
N VAL B 120 21.77 25.12 18.98
CA VAL B 120 22.94 24.66 19.73
C VAL B 120 23.85 23.70 18.93
N SER B 121 23.51 23.46 17.68
CA SER B 121 24.31 22.58 16.81
C SER B 121 24.07 22.95 15.35
N PRO B 122 24.75 24.02 14.87
CA PRO B 122 24.53 24.50 13.50
C PRO B 122 24.84 23.48 12.41
N GLU B 123 25.58 22.41 12.78
CA GLU B 123 25.75 21.23 11.96
C GLU B 123 25.01 20.11 12.65
N LEU B 124 24.00 19.55 11.97
CA LEU B 124 23.02 18.65 12.58
C LEU B 124 22.30 17.77 11.54
N ILE B 125 22.42 16.47 11.72
CA ILE B 125 21.70 15.52 10.89
C ILE B 125 20.78 14.69 11.74
N VAL B 126 19.49 14.72 11.44
CA VAL B 126 18.56 13.84 12.11
C VAL B 126 18.02 12.81 11.13
N GLU B 127 18.30 11.54 11.40
CA GLU B 127 17.85 10.45 10.56
C GLU B 127 16.83 9.62 11.31
N ASN B 128 15.66 9.46 10.69
CA ASN B 128 14.58 8.66 11.22
C ASN B 128 14.13 7.66 10.16
N GLY B 129 14.60 6.42 10.28
CA GLY B 129 14.35 5.40 9.26
C GLY B 129 14.92 5.86 7.92
N GLY B 130 14.09 5.80 6.87
CA GLY B 130 14.53 6.24 5.54
C GLY B 130 14.58 7.75 5.34
N ASP B 131 14.15 8.50 6.35
CA ASP B 131 14.02 9.95 6.26
C ASP B 131 15.13 10.70 6.99
N LEU B 132 15.66 11.74 6.36
CA LEU B 132 16.81 12.43 6.89
C LEU B 132 16.66 13.94 6.81
N TYR B 133 16.98 14.63 7.92
CA TYR B 133 17.04 16.08 7.90
C TYR B 133 18.44 16.61 8.20
N LEU B 134 18.84 17.64 7.47
CA LEU B 134 20.20 18.11 7.57
C LEU B 134 20.27 19.62 7.63
N TYR B 135 21.02 20.09 8.61
CA TYR B 135 21.49 21.47 8.71
C TYR B 135 22.99 21.44 8.60
N SER B 136 23.53 22.34 7.77
CA SER B 136 24.98 22.42 7.57
C SER B 136 25.39 23.65 6.77
N GLU B 137 26.65 24.05 6.95
CA GLU B 137 27.22 25.19 6.22
C GLU B 137 28.38 24.76 5.33
N ARG B 138 28.72 23.48 5.39
CA ARG B 138 29.63 22.88 4.41
C ARG B 138 28.96 21.84 3.48
N ASP B 139 29.66 21.49 2.41
CA ASP B 139 29.33 20.37 1.51
C ASP B 139 29.13 19.07 2.30
N ARG B 140 28.06 18.35 1.99
CA ARG B 140 27.73 17.07 2.65
C ARG B 140 27.33 16.00 1.64
N VAL B 141 27.74 14.75 1.90
CA VAL B 141 27.28 13.64 1.08
C VAL B 141 26.43 12.71 1.93
N VAL B 142 25.12 12.80 1.73
CA VAL B 142 24.17 11.95 2.43
C VAL B 142 24.02 10.63 1.70
N GLY B 143 24.39 9.53 2.34
CA GLY B 143 24.24 8.21 1.74
C GLY B 143 22.79 7.79 1.56
N ILE B 144 22.51 7.07 0.48
CA ILE B 144 21.15 6.58 0.17
C ILE B 144 21.13 5.11 -0.23
N LEU B 145 22.24 4.65 -0.80
CA LEU B 145 22.39 3.28 -1.24
C LEU B 145 23.81 2.93 -0.90
N PRO B 146 24.09 1.63 -0.74
CA PRO B 146 25.45 1.18 -0.98
C PRO B 146 25.63 0.79 -2.45
N ASP B 147 26.87 0.68 -2.89
CA ASP B 147 27.24 -0.08 -4.09
C ASP B 147 28.40 -1.06 -3.84
N PRO B 148 29.24 -0.81 -2.78
CA PRO B 148 30.58 -1.32 -2.56
C PRO B 148 31.17 -2.34 -3.54
N ALA B 149 32.22 -1.97 -4.30
CA ALA B 149 32.87 -0.65 -4.37
C ALA B 149 33.61 -0.08 -3.12
N SER B 150 32.89 0.54 -2.18
CA SER B 150 33.51 1.32 -1.09
C SER B 150 32.89 1.06 0.29
N GLY B 151 33.68 1.31 1.33
CA GLY B 151 33.16 1.27 2.69
C GLY B 151 32.03 2.29 2.83
N ASP B 152 32.21 3.44 2.19
CA ASP B 152 31.22 4.50 2.14
C ASP B 152 30.18 4.25 1.05
N MSE B 153 28.91 4.54 1.37
CA MSE B 153 27.81 4.32 0.41
C MSE B 153 27.63 5.46 -0.63
O MSE B 153 28.17 6.56 -0.48
CB MSE B 153 26.52 3.99 1.18
CG MSE B 153 25.86 5.15 1.93
SE MSE B 153 24.71 4.54 3.42
CE MSE B 153 23.11 3.94 2.45
N VAL B 154 26.88 5.14 -1.70
CA VAL B 154 26.48 6.08 -2.75
C VAL B 154 25.54 7.14 -2.20
N GLY B 155 25.88 8.41 -2.41
CA GLY B 155 25.13 9.46 -1.78
C GLY B 155 24.74 10.58 -2.69
N ILE B 156 24.06 11.56 -2.11
CA ILE B 156 23.66 12.77 -2.79
C ILE B 156 24.40 13.92 -2.14
N LEU B 157 25.07 14.71 -2.95
CA LEU B 157 25.82 15.82 -2.43
C LEU B 157 24.85 16.91 -2.02
N VAL B 158 25.08 17.47 -0.84
CA VAL B 158 24.40 18.67 -0.42
C VAL B 158 25.43 19.83 -0.35
N ARG B 159 25.35 20.72 -1.33
CA ARG B 159 26.31 21.84 -1.45
C ARG B 159 26.15 22.89 -0.38
N ALA B 160 27.28 23.38 0.15
CA ALA B 160 27.30 24.44 1.15
C ALA B 160 26.23 25.53 0.89
N GLY B 161 25.34 25.73 1.85
CA GLY B 161 24.30 26.75 1.75
C GLY B 161 23.06 26.30 0.99
N THR B 162 23.04 25.04 0.56
CA THR B 162 21.81 24.47 -0.02
C THR B 162 20.92 23.86 1.07
N ALA B 163 21.49 23.57 2.24
CA ALA B 163 20.77 23.24 3.49
C ALA B 163 20.03 24.46 4.11
N PRO B 164 19.06 24.22 5.02
CA PRO B 164 18.55 22.92 5.51
C PRO B 164 17.77 22.16 4.44
N VAL B 165 17.87 20.83 4.47
CA VAL B 165 17.15 20.03 3.50
C VAL B 165 16.79 18.66 4.03
N SER B 166 15.84 18.03 3.36
CA SER B 166 15.46 16.68 3.67
C SER B 166 15.80 15.74 2.52
N LEU B 167 16.13 14.51 2.87
CA LEU B 167 16.17 13.41 1.91
C LEU B 167 15.41 12.22 2.46
N CYS B 168 14.27 11.93 1.85
CA CYS B 168 13.40 10.87 2.31
C CYS B 168 13.28 9.71 1.33
N GLY B 169 13.38 8.49 1.83
CA GLY B 169 13.34 7.29 1.02
C GLY B 169 12.02 6.56 1.17
N SER B 170 11.68 5.76 0.17
CA SER B 170 10.36 5.12 0.10
C SER B 170 10.30 3.88 0.97
N SER B 171 11.42 3.16 1.06
CA SER B 171 11.53 2.01 1.93
C SER B 171 12.87 2.07 2.67
N ALA B 172 12.81 1.95 3.99
CA ALA B 172 14.02 2.03 4.82
C ALA B 172 14.89 0.78 4.69
N ARG B 173 14.30 -0.37 5.00
CA ARG B 173 14.99 -1.68 5.03
C ARG B 173 14.02 -2.79 4.63
N ILE B 174 14.43 -3.61 3.67
CA ILE B 174 13.65 -4.81 3.29
C ILE B 174 14.47 -6.11 3.37
N GLY B 175 15.67 -6.15 2.79
CA GLY B 175 16.30 -5.04 2.07
C GLY B 175 17.64 -5.51 1.54
N HIS B 176 17.58 -6.53 0.67
CA HIS B 176 18.75 -7.19 0.11
C HIS B 176 18.49 -7.55 -1.36
N SER B 177 19.47 -7.30 -2.23
CA SER B 177 20.75 -6.71 -1.84
C SER B 177 20.77 -5.16 -1.90
N LEU B 178 19.57 -4.54 -1.99
CA LEU B 178 19.41 -3.09 -2.23
C LEU B 178 20.67 -2.38 -2.74
N SER B 179 20.98 -2.63 -4.02
CA SER B 179 22.18 -2.06 -4.67
C SER B 179 21.78 -1.13 -5.83
N LEU B 180 22.60 -1.13 -6.88
CA LEU B 180 22.35 -0.29 -8.04
C LEU B 180 21.35 -0.98 -8.98
N GLY B 181 20.23 -0.30 -9.26
CA GLY B 181 19.15 -0.87 -10.07
C GLY B 181 18.41 -2.00 -9.38
N ASP B 182 19.03 -2.52 -8.32
CA ASP B 182 18.61 -3.70 -7.58
C ASP B 182 17.75 -3.28 -6.38
N GLY B 183 16.46 -3.62 -6.45
CA GLY B 183 15.53 -3.27 -5.39
C GLY B 183 14.85 -1.93 -5.60
N ASP B 184 13.52 -1.96 -5.48
CA ASP B 184 12.64 -0.80 -5.61
C ASP B 184 13.01 0.31 -4.60
N LEU B 185 13.15 1.57 -5.06
CA LEU B 185 13.52 2.71 -4.18
C LEU B 185 13.25 4.06 -4.83
N ALA B 186 12.44 4.90 -4.17
CA ALA B 186 12.37 6.33 -4.50
C ALA B 186 12.94 7.20 -3.37
N VAL B 187 13.79 8.15 -3.73
CA VAL B 187 14.40 9.10 -2.78
C VAL B 187 13.97 10.52 -3.17
N VAL B 188 13.45 11.27 -2.22
CA VAL B 188 12.88 12.59 -2.50
C VAL B 188 13.57 13.70 -1.72
N ARG B 189 13.98 14.75 -2.44
CA ARG B 189 14.65 15.91 -1.84
C ARG B 189 13.72 17.11 -1.79
N ALA B 190 13.58 17.67 -0.59
CA ALA B 190 12.79 18.88 -0.39
C ALA B 190 13.12 19.54 0.95
N ARG B 191 12.89 20.84 1.01
CA ARG B 191 13.00 21.56 2.27
C ARG B 191 11.97 21.05 3.26
N ASP B 192 10.72 20.90 2.83
CA ASP B 192 9.72 20.43 3.77
C ASP B 192 9.85 18.91 3.81
N ALA B 193 10.20 18.36 4.98
CA ALA B 193 10.39 16.92 5.14
C ALA B 193 9.06 16.13 5.21
N SER B 194 7.97 16.80 5.57
CA SER B 194 6.64 16.21 5.43
C SER B 194 6.35 15.91 3.96
N LEU B 195 6.66 16.88 3.11
CA LEU B 195 6.51 16.74 1.65
C LEU B 195 7.36 15.59 1.13
N ALA B 196 8.65 15.64 1.45
CA ALA B 196 9.59 14.68 0.95
C ALA B 196 9.18 13.24 1.33
N ASP B 197 8.70 13.07 2.56
CA ASP B 197 8.34 11.76 3.09
C ASP B 197 7.01 11.29 2.49
N ALA B 198 6.03 12.20 2.35
CA ALA B 198 4.79 11.87 1.67
C ALA B 198 5.01 11.53 0.18
N ALA B 199 5.84 12.32 -0.49
CA ALA B 199 6.18 12.12 -1.90
C ALA B 199 6.93 10.80 -2.19
N ALA B 200 7.81 10.38 -1.28
CA ALA B 200 8.48 9.09 -1.36
C ALA B 200 7.47 7.91 -1.23
N THR B 201 6.48 8.02 -0.35
CA THR B 201 5.29 7.14 -0.37
C THR B 201 4.55 7.13 -1.73
N ALA B 202 4.06 8.29 -2.16
CA ALA B 202 3.37 8.36 -3.44
C ALA B 202 4.23 7.79 -4.57
N PHE B 203 5.51 8.15 -4.63
CA PHE B 203 6.39 7.67 -5.71
C PHE B 203 6.68 6.18 -5.57
N GLY B 204 6.97 5.77 -4.33
CA GLY B 204 7.12 4.36 -4.00
C GLY B 204 5.93 3.54 -4.48
N ASN B 205 4.73 4.08 -4.29
CA ASN B 205 3.52 3.41 -4.74
C ASN B 205 3.48 3.25 -6.24
N MSE B 206 3.87 4.30 -6.99
CA MSE B 206 3.97 4.23 -8.47
C MSE B 206 4.98 3.20 -9.00
O MSE B 206 4.80 2.63 -10.08
CB MSE B 206 4.29 5.60 -9.05
CG MSE B 206 3.37 6.69 -8.60
SE MSE B 206 3.99 8.46 -9.15
CE MSE B 206 2.96 9.59 -7.90
N LEU B 207 6.06 2.98 -8.27
CA LEU B 207 7.10 2.10 -8.75
C LEU B 207 6.73 0.64 -8.63
N ARG B 208 6.36 0.02 -9.74
CA ARG B 208 6.07 -1.41 -9.73
C ARG B 208 6.88 -2.16 -10.79
N ARG B 209 6.90 -1.63 -12.02
CA ARG B 209 7.77 -2.15 -13.09
C ARG B 209 8.82 -1.12 -13.52
N ALA B 210 9.89 -1.65 -14.12
CA ALA B 210 11.03 -0.87 -14.61
C ALA B 210 10.68 0.49 -15.24
N ASP B 211 9.69 0.51 -16.15
CA ASP B 211 9.36 1.75 -16.87
C ASP B 211 8.44 2.72 -16.11
N ASP B 212 8.10 2.31 -14.89
CA ASP B 212 7.46 3.21 -13.97
C ASP B 212 8.43 4.34 -13.55
N VAL B 213 9.77 4.16 -13.70
CA VAL B 213 10.72 5.22 -13.23
C VAL B 213 10.53 6.57 -13.92
N ALA B 214 10.25 6.57 -15.22
CA ALA B 214 10.00 7.79 -15.96
C ALA B 214 8.72 8.51 -15.52
N ALA B 215 7.71 7.76 -15.08
CA ALA B 215 6.53 8.38 -14.45
C ALA B 215 6.93 9.18 -13.21
N VAL B 216 7.80 8.58 -12.38
CA VAL B 216 8.27 9.22 -11.16
C VAL B 216 9.06 10.51 -11.43
N THR B 217 10.04 10.43 -12.32
CA THR B 217 10.88 11.59 -12.63
C THR B 217 10.06 12.70 -13.30
N GLU B 218 9.13 12.32 -14.17
CA GLU B 218 8.20 13.30 -14.74
C GLU B 218 7.31 13.92 -13.66
N ARG B 219 6.76 13.11 -12.76
CA ARG B 219 5.88 13.63 -11.73
C ARG B 219 6.65 14.54 -10.78
N ALA B 220 7.90 14.18 -10.47
CA ALA B 220 8.73 15.02 -9.58
C ALA B 220 9.00 16.41 -10.14
N ALA B 221 9.34 16.46 -11.42
CA ALA B 221 9.52 17.69 -12.17
C ALA B 221 8.24 18.54 -12.20
N GLN B 222 7.07 17.91 -12.16
CA GLN B 222 5.83 18.67 -12.09
C GLN B 222 5.62 19.26 -10.70
N LEU B 223 6.21 18.65 -9.68
CA LEU B 223 6.02 19.11 -8.30
C LEU B 223 7.14 20.03 -7.82
N ALA B 224 8.02 20.45 -8.73
CA ALA B 224 9.06 21.41 -8.39
C ALA B 224 8.46 22.70 -7.80
N SER B 225 7.33 23.11 -8.35
CA SER B 225 6.62 24.33 -7.92
C SER B 225 6.13 24.33 -6.47
N ILE B 226 5.98 23.13 -5.89
CA ILE B 226 5.52 23.03 -4.49
C ILE B 226 6.63 22.57 -3.59
N GLY B 227 7.83 22.41 -4.14
CA GLY B 227 9.02 22.26 -3.32
C GLY B 227 9.83 21.02 -3.57
N ILE B 228 9.50 20.24 -4.61
CA ILE B 228 10.34 19.06 -4.88
C ILE B 228 11.62 19.51 -5.60
N GLU B 229 12.77 19.22 -5.00
CA GLU B 229 14.04 19.64 -5.60
C GLU B 229 14.70 18.56 -6.41
N GLY B 230 14.45 17.31 -6.08
CA GLY B 230 14.94 16.20 -6.93
C GLY B 230 14.37 14.88 -6.49
N VAL B 231 14.50 13.88 -7.35
CA VAL B 231 14.12 12.52 -7.04
C VAL B 231 15.17 11.60 -7.66
N TYR B 232 15.43 10.50 -6.95
CA TYR B 232 16.16 9.39 -7.45
C TYR B 232 15.17 8.22 -7.41
N ALA B 233 15.01 7.50 -8.51
CA ALA B 233 14.08 6.38 -8.55
C ALA B 233 14.71 5.17 -9.24
N GLN B 234 14.62 4.01 -8.59
CA GLN B 234 14.98 2.74 -9.23
C GLN B 234 13.89 1.70 -9.10
N CYS B 235 13.83 0.85 -10.11
CA CYS B 235 12.88 -0.22 -10.19
C CYS B 235 13.34 -1.14 -11.32
N GLY B 236 13.44 -2.43 -11.01
CA GLY B 236 13.72 -3.44 -12.01
C GLY B 236 14.92 -3.17 -12.89
N GLY B 237 15.98 -2.61 -12.29
CA GLY B 237 17.24 -2.41 -13.00
C GLY B 237 17.27 -1.12 -13.82
N ARG B 238 16.25 -0.29 -13.68
CA ARG B 238 16.19 1.01 -14.32
CA ARG B 238 16.19 1.03 -14.32
C ARG B 238 16.31 2.11 -13.27
N ILE B 239 16.97 3.18 -13.64
CA ILE B 239 17.25 4.27 -12.71
C ILE B 239 16.90 5.57 -13.43
N GLY B 240 16.17 6.43 -12.74
CA GLY B 240 15.89 7.74 -13.26
C GLY B 240 16.18 8.73 -12.18
N ILE B 241 16.75 9.86 -12.58
CA ILE B 241 17.14 10.92 -11.67
C ILE B 241 16.58 12.20 -12.30
N TRP B 242 16.01 13.08 -11.50
CA TRP B 242 15.60 14.39 -11.95
C TRP B 242 16.01 15.40 -10.87
N GLY B 243 16.43 16.60 -11.28
CA GLY B 243 16.64 17.72 -10.34
C GLY B 243 18.02 17.73 -9.72
N ASP B 244 18.12 18.39 -8.56
CA ASP B 244 19.39 18.58 -7.86
C ASP B 244 19.84 17.33 -7.12
N MSE B 245 20.33 16.35 -7.85
CA MSE B 245 20.69 15.06 -7.27
C MSE B 245 22.04 14.55 -7.78
O MSE B 245 22.12 13.42 -8.28
CB MSE B 245 19.62 13.98 -7.58
CG MSE B 245 18.23 14.22 -7.04
SE MSE B 245 18.20 14.35 -5.10
CE MSE B 245 18.10 12.48 -4.57
N GLU B 246 23.10 15.35 -7.66
CA GLU B 246 24.45 14.88 -7.99
C GLU B 246 24.81 13.70 -7.09
N LEU B 247 25.27 12.60 -7.67
CA LEU B 247 25.69 11.42 -6.91
C LEU B 247 27.18 11.44 -6.57
N ALA B 248 27.50 11.10 -5.32
CA ALA B 248 28.90 10.94 -4.95
C ALA B 248 29.18 9.50 -4.61
N VAL B 249 30.03 8.88 -5.41
CA VAL B 249 30.69 7.66 -5.00
C VAL B 249 32.10 8.10 -4.61
N ALA B 250 32.23 8.58 -3.37
CA ALA B 250 33.42 9.33 -2.95
C ALA B 250 33.65 10.58 -3.84
NA NA C . -7.91 -18.58 -3.02
NA NA D . -5.18 -5.98 -4.41
NA NA E . 6.42 8.27 3.56
#